data_1WS4
#
_entry.id   1WS4
#
_cell.length_a   79.287
_cell.length_b   99.416
_cell.length_c   105.464
_cell.angle_alpha   90.00
_cell.angle_beta   90.00
_cell.angle_gamma   90.00
#
_symmetry.space_group_name_H-M   'P 21 21 21'
#
loop_
_entity.id
_entity.type
_entity.pdbx_description
1 polymer 'Agglutinin alpha chain'
2 polymer 'Agglutinin beta-3 chain'
3 polymer 'Agglutinin alpha chain'
4 non-polymer 'methyl alpha-D-glucopyranoside'
5 non-polymer 'methyl alpha-D-galactopyranoside'
6 water water
#
loop_
_entity_poly.entity_id
_entity_poly.type
_entity_poly.pdbx_seq_one_letter_code
_entity_poly.pdbx_strand_id
1 'polypeptide(L)'
;GKAFDDGAFTGIREINLSYNKETAIGDFQVVYDLNGSPYVGQNHVSFITGFTPVKISLDFPSEYIMEVSGYTGNVSGYVV
VRSLTFKTNKKTYGPYGVTSGTPFNLPIENGLIVGFKGSIGYWLDYFSMYLSL
;
A,G
2 'polypeptide(L)' DEQSGISQTVIVGPWGAKSA B,D,F,H
3 'polypeptide(L)'
;GKAFDDGAFTGIREINLSYNKETAIGDFQVVYDLNGSPYVGQNHKSFITGFTPVKISLDFPSEYIMEVSGYTGNVSGYVV
VRSLTFKTNKKTYGPYGVTSGTPFNLPIENGLIVGFKGSIGYWLDYFSMYLSL
;
C,E
#
loop_
_chem_comp.id
_chem_comp.type
_chem_comp.name
_chem_comp.formula
AMG D-saccharide 'methyl alpha-D-galactopyranoside' 'C7 H14 O6'
GYP D-saccharide 'methyl alpha-D-glucopyranoside' 'C7 H14 O6'
#
# COMPACT_ATOMS: atom_id res chain seq x y z
N GLY A 1 -6.79 31.12 -2.16
CA GLY A 1 -8.05 30.67 -2.80
C GLY A 1 -8.80 29.69 -1.92
N LYS A 2 -9.85 29.08 -2.47
CA LYS A 2 -10.65 28.12 -1.72
C LYS A 2 -10.06 26.71 -1.89
N ALA A 3 -9.65 26.11 -0.79
CA ALA A 3 -9.07 24.78 -0.84
C ALA A 3 -10.12 23.72 -1.13
N PHE A 4 -9.67 22.63 -1.75
CA PHE A 4 -10.55 21.50 -2.05
C PHE A 4 -9.72 20.24 -1.86
N ASP A 5 -10.41 19.12 -1.62
CA ASP A 5 -9.74 17.85 -1.43
C ASP A 5 -10.76 16.77 -1.85
N ASP A 6 -10.57 16.22 -3.05
CA ASP A 6 -11.48 15.20 -3.56
C ASP A 6 -11.33 13.87 -2.83
N GLY A 7 -10.12 13.59 -2.34
CA GLY A 7 -9.89 12.33 -1.67
C GLY A 7 -9.34 11.29 -2.63
N ALA A 8 -9.32 10.04 -2.19
CA ALA A 8 -8.79 8.96 -3.02
C ALA A 8 -9.88 8.08 -3.62
N PHE A 9 -9.65 7.65 -4.86
CA PHE A 9 -10.60 6.80 -5.57
C PHE A 9 -9.92 5.58 -6.19
N THR A 10 -10.61 4.92 -7.10
CA THR A 10 -10.10 3.72 -7.76
C THR A 10 -9.30 3.99 -9.01
N GLY A 11 -9.55 5.15 -9.63
CA GLY A 11 -8.83 5.50 -10.85
C GLY A 11 -9.41 6.79 -11.42
N ILE A 12 -8.98 7.15 -12.63
CA ILE A 12 -9.45 8.38 -13.28
C ILE A 12 -10.10 8.07 -14.62
N ARG A 13 -11.29 8.63 -14.85
CA ARG A 13 -12.00 8.42 -16.11
C ARG A 13 -11.98 9.65 -17.02
N GLU A 14 -12.13 10.82 -16.42
CA GLU A 14 -12.14 12.06 -17.19
C GLU A 14 -11.72 13.26 -16.37
N ILE A 15 -11.07 14.22 -17.02
CA ILE A 15 -10.63 15.44 -16.36
C ILE A 15 -11.18 16.61 -17.15
N ASN A 16 -11.88 17.51 -16.46
CA ASN A 16 -12.44 18.69 -17.09
C ASN A 16 -11.81 19.90 -16.44
N LEU A 17 -11.08 20.68 -17.23
CA LEU A 17 -10.43 21.88 -16.70
C LEU A 17 -10.60 23.03 -17.67
N SER A 18 -10.25 24.22 -17.23
CA SER A 18 -10.33 25.40 -18.09
C SER A 18 -9.04 26.16 -17.88
N TYR A 19 -8.64 26.93 -18.89
CA TYR A 19 -7.40 27.67 -18.81
C TYR A 19 -7.47 28.89 -19.70
N ASN A 20 -6.55 29.81 -19.49
CA ASN A 20 -6.46 31.02 -20.30
C ASN A 20 -5.00 31.03 -20.72
N LYS A 21 -4.75 30.97 -22.02
CA LYS A 21 -3.39 30.94 -22.55
C LYS A 21 -2.50 32.09 -22.09
N GLU A 22 -3.10 33.21 -21.70
CA GLU A 22 -2.27 34.34 -21.26
C GLU A 22 -2.17 34.51 -19.74
N THR A 23 -2.85 33.66 -18.98
CA THR A 23 -2.76 33.76 -17.52
C THR A 23 -2.41 32.42 -16.87
N ALA A 24 -3.42 31.62 -16.55
CA ALA A 24 -3.17 30.34 -15.90
C ALA A 24 -4.38 29.40 -15.93
N ILE A 25 -4.28 28.29 -15.21
CA ILE A 25 -5.35 27.31 -15.14
C ILE A 25 -6.47 27.83 -14.23
N GLY A 26 -7.71 27.60 -14.64
CA GLY A 26 -8.84 28.06 -13.87
C GLY A 26 -9.62 26.96 -13.19
N ASP A 27 -10.70 26.51 -13.81
CA ASP A 27 -11.54 25.48 -13.24
C ASP A 27 -10.91 24.08 -13.30
N PHE A 28 -11.30 23.21 -12.37
CA PHE A 28 -10.76 21.85 -12.32
C PHE A 28 -11.80 20.90 -11.75
N GLN A 29 -12.09 19.83 -12.49
CA GLN A 29 -13.07 18.84 -12.05
C GLN A 29 -12.68 17.49 -12.60
N VAL A 30 -12.88 16.45 -11.80
CA VAL A 30 -12.52 15.10 -12.21
C VAL A 30 -13.63 14.08 -12.05
N VAL A 31 -13.77 13.22 -13.06
CA VAL A 31 -14.75 12.14 -12.99
C VAL A 31 -13.85 10.95 -12.65
N TYR A 32 -13.97 10.46 -11.41
CA TYR A 32 -13.17 9.34 -10.96
C TYR A 32 -13.87 8.01 -11.20
N ASP A 33 -13.12 6.93 -11.01
CA ASP A 33 -13.72 5.62 -11.09
C ASP A 33 -13.84 5.23 -9.63
N LEU A 34 -14.97 4.67 -9.25
CA LEU A 34 -15.17 4.23 -7.89
C LEU A 34 -15.60 2.78 -7.96
N ASN A 35 -14.62 1.88 -7.90
CA ASN A 35 -14.89 0.45 -7.94
C ASN A 35 -15.70 0.03 -9.18
N GLY A 36 -15.27 0.49 -10.35
CA GLY A 36 -15.94 0.12 -11.59
C GLY A 36 -17.05 1.04 -12.09
N SER A 37 -17.44 2.02 -11.28
CA SER A 37 -18.49 2.95 -11.66
C SER A 37 -18.01 4.39 -11.61
N PRO A 38 -18.50 5.23 -12.52
CA PRO A 38 -18.09 6.64 -12.56
C PRO A 38 -18.55 7.39 -11.31
N TYR A 39 -17.71 8.29 -10.82
CA TYR A 39 -18.06 9.10 -9.66
C TYR A 39 -17.68 10.53 -10.02
N VAL A 40 -18.70 11.37 -10.21
CA VAL A 40 -18.48 12.76 -10.59
C VAL A 40 -18.01 13.61 -9.42
N GLY A 41 -16.76 14.04 -9.48
CA GLY A 41 -16.22 14.87 -8.43
C GLY A 41 -16.79 16.27 -8.50
N GLN A 42 -16.69 16.99 -7.40
CA GLN A 42 -17.18 18.35 -7.31
C GLN A 42 -16.42 19.25 -8.30
N ASN A 43 -17.14 20.19 -8.90
CA ASN A 43 -16.53 21.12 -9.86
C ASN A 43 -15.88 22.24 -9.05
N HIS A 44 -14.56 22.32 -9.12
CA HIS A 44 -13.83 23.35 -8.39
C HIS A 44 -13.63 24.51 -9.36
N VAL A 45 -14.48 25.53 -9.20
CA VAL A 45 -14.47 26.68 -10.10
C VAL A 45 -13.69 27.91 -9.69
N SER A 46 -13.13 28.58 -10.69
CA SER A 46 -12.38 29.81 -10.49
C SER A 46 -13.38 30.88 -10.06
N PHE A 47 -12.89 31.91 -9.36
CA PHE A 47 -13.77 33.00 -8.91
C PHE A 47 -14.19 33.86 -10.09
N ILE A 48 -13.44 33.80 -11.18
CA ILE A 48 -13.75 34.58 -12.37
C ILE A 48 -14.04 33.69 -13.57
N THR A 49 -14.37 34.31 -14.70
CA THR A 49 -14.68 33.57 -15.92
C THR A 49 -13.75 33.98 -17.05
N GLY A 50 -14.08 33.53 -18.26
CA GLY A 50 -13.27 33.86 -19.42
C GLY A 50 -12.24 32.80 -19.79
N PHE A 51 -12.41 31.60 -19.24
CA PHE A 51 -11.50 30.49 -19.51
C PHE A 51 -11.96 29.60 -20.66
N THR A 52 -11.02 28.88 -21.25
CA THR A 52 -11.29 27.96 -22.35
C THR A 52 -11.44 26.55 -21.77
N PRO A 53 -12.62 25.94 -21.95
CA PRO A 53 -12.91 24.59 -21.44
C PRO A 53 -12.17 23.49 -22.21
N VAL A 54 -11.75 22.45 -21.48
CA VAL A 54 -11.05 21.32 -22.07
C VAL A 54 -11.58 20.05 -21.41
N LYS A 55 -11.88 19.05 -22.22
CA LYS A 55 -12.36 17.77 -21.70
C LYS A 55 -11.38 16.68 -22.07
N ILE A 56 -10.83 16.02 -21.07
CA ILE A 56 -9.88 14.95 -21.32
C ILE A 56 -10.59 13.66 -20.93
N SER A 57 -11.06 12.93 -21.94
CA SER A 57 -11.76 11.67 -21.72
C SER A 57 -10.80 10.53 -21.94
N LEU A 58 -10.51 9.79 -20.88
CA LEU A 58 -9.59 8.66 -20.98
C LEU A 58 -10.31 7.36 -21.28
N ASP A 59 -9.62 6.45 -21.97
CA ASP A 59 -10.16 5.16 -22.31
C ASP A 59 -9.91 4.24 -21.11
N PHE A 60 -10.61 4.52 -20.02
CA PHE A 60 -10.49 3.75 -18.79
C PHE A 60 -11.01 2.33 -19.04
N PRO A 61 -10.33 1.30 -18.51
CA PRO A 61 -9.10 1.35 -17.69
C PRO A 61 -7.81 1.09 -18.45
N SER A 62 -7.89 0.88 -19.77
CA SER A 62 -6.68 0.61 -20.54
C SER A 62 -5.75 1.81 -20.66
N GLU A 63 -6.32 3.02 -20.57
CA GLU A 63 -5.51 4.23 -20.65
C GLU A 63 -5.42 4.89 -19.28
N TYR A 64 -4.22 5.28 -18.87
CA TYR A 64 -4.00 5.92 -17.58
C TYR A 64 -2.82 6.89 -17.64
N ILE A 65 -2.83 7.88 -16.77
CA ILE A 65 -1.77 8.89 -16.69
C ILE A 65 -0.45 8.32 -16.26
N MET A 66 0.61 8.61 -17.01
CA MET A 66 1.95 8.13 -16.68
C MET A 66 2.85 9.28 -16.24
N GLU A 67 2.47 10.50 -16.60
CA GLU A 67 3.25 11.66 -16.20
C GLU A 67 2.45 12.95 -16.22
N VAL A 68 2.63 13.76 -15.18
CA VAL A 68 1.97 15.04 -15.09
C VAL A 68 3.08 16.08 -15.02
N SER A 69 2.99 17.11 -15.86
CA SER A 69 4.01 18.15 -15.86
C SER A 69 3.34 19.51 -16.04
N GLY A 70 4.12 20.57 -15.85
CA GLY A 70 3.56 21.89 -15.99
C GLY A 70 4.52 22.97 -15.58
N TYR A 71 3.99 24.17 -15.36
CA TYR A 71 4.78 25.31 -14.96
C TYR A 71 4.06 26.08 -13.87
N THR A 72 4.83 26.69 -12.98
CA THR A 72 4.26 27.52 -11.93
C THR A 72 4.93 28.88 -12.12
N GLY A 73 4.28 29.92 -11.66
CA GLY A 73 4.85 31.25 -11.80
C GLY A 73 3.82 32.28 -11.39
N ASN A 74 4.23 33.54 -11.40
CA ASN A 74 3.35 34.61 -10.99
C ASN A 74 2.34 35.05 -12.04
N VAL A 75 1.19 35.48 -11.54
CA VAL A 75 0.11 36.06 -12.32
C VAL A 75 -0.20 37.17 -11.31
N SER A 76 0.14 38.40 -11.68
CA SER A 76 0.01 39.53 -10.77
C SER A 76 0.95 39.14 -9.62
N GLY A 77 0.56 39.33 -8.37
CA GLY A 77 1.45 38.98 -7.28
C GLY A 77 1.42 37.54 -6.81
N TYR A 78 0.46 36.77 -7.30
CA TYR A 78 0.29 35.37 -6.87
C TYR A 78 1.05 34.31 -7.64
N VAL A 79 1.56 33.33 -6.91
CA VAL A 79 2.25 32.21 -7.54
C VAL A 79 1.14 31.18 -7.78
N VAL A 80 0.99 30.75 -9.03
CA VAL A 80 -0.06 29.79 -9.38
C VAL A 80 0.44 28.77 -10.39
N VAL A 81 -0.42 27.81 -10.74
CA VAL A 81 -0.07 26.80 -11.73
C VAL A 81 -0.51 27.40 -13.06
N ARG A 82 0.47 27.78 -13.87
CA ARG A 82 0.21 28.40 -15.16
C ARG A 82 -0.11 27.45 -16.30
N SER A 83 0.42 26.24 -16.23
CA SER A 83 0.23 25.29 -17.30
C SER A 83 0.28 23.85 -16.82
N LEU A 84 -0.45 22.99 -17.51
CA LEU A 84 -0.48 21.56 -17.18
C LEU A 84 -0.48 20.72 -18.46
N THR A 85 0.16 19.57 -18.37
CA THR A 85 0.22 18.61 -19.48
C THR A 85 0.02 17.23 -18.86
N PHE A 86 -0.82 16.42 -19.48
CA PHE A 86 -1.07 15.06 -18.98
C PHE A 86 -0.64 14.09 -20.07
N LYS A 87 0.25 13.18 -19.70
CA LYS A 87 0.72 12.18 -20.65
C LYS A 87 0.25 10.81 -20.20
N THR A 88 -0.46 10.10 -21.07
CA THR A 88 -0.95 8.77 -20.74
C THR A 88 -0.13 7.76 -21.54
N ASN A 89 -0.50 6.49 -21.43
CA ASN A 89 0.20 5.44 -22.16
C ASN A 89 -0.27 5.41 -23.61
N LYS A 90 -1.22 6.29 -23.95
CA LYS A 90 -1.75 6.34 -25.30
C LYS A 90 -1.59 7.70 -26.00
N LYS A 91 -1.69 8.79 -25.25
CA LYS A 91 -1.55 10.13 -25.84
C LYS A 91 -1.03 11.15 -24.86
N THR A 92 -0.79 12.35 -25.37
CA THR A 92 -0.33 13.48 -24.56
C THR A 92 -1.39 14.55 -24.67
N TYR A 93 -1.92 14.99 -23.54
CA TYR A 93 -2.94 16.02 -23.52
C TYR A 93 -2.33 17.31 -23.00
N GLY A 94 -2.30 18.32 -23.86
CA GLY A 94 -1.73 19.60 -23.47
C GLY A 94 -0.53 19.94 -24.34
N PRO A 95 0.27 20.94 -23.95
CA PRO A 95 0.08 21.74 -22.73
C PRO A 95 -1.09 22.72 -22.81
N TYR A 96 -1.65 23.04 -21.64
CA TYR A 96 -2.76 23.96 -21.54
C TYR A 96 -2.30 25.13 -20.67
N GLY A 97 -2.26 26.34 -21.23
CA GLY A 97 -1.85 27.50 -20.46
C GLY A 97 -0.48 28.08 -20.80
N VAL A 98 0.03 28.93 -19.92
CA VAL A 98 1.33 29.57 -20.12
C VAL A 98 2.47 28.58 -19.86
N THR A 99 3.19 28.21 -20.92
CA THR A 99 4.30 27.27 -20.80
C THR A 99 5.63 27.96 -20.52
N SER A 100 5.62 28.82 -19.51
CA SER A 100 6.80 29.55 -19.11
C SER A 100 6.79 29.61 -17.60
N GLY A 101 7.95 29.87 -17.00
CA GLY A 101 8.03 29.94 -15.56
C GLY A 101 8.91 28.82 -15.01
N THR A 102 8.55 28.28 -13.85
CA THR A 102 9.33 27.21 -13.25
C THR A 102 8.67 25.87 -13.57
N PRO A 103 9.38 25.00 -14.28
CA PRO A 103 8.80 23.70 -14.61
C PRO A 103 8.78 22.71 -13.45
N PHE A 104 7.89 21.73 -13.56
CA PHE A 104 7.78 20.68 -12.57
C PHE A 104 7.26 19.49 -13.35
N ASN A 105 7.60 18.28 -12.91
CA ASN A 105 7.11 17.12 -13.62
C ASN A 105 7.15 15.91 -12.70
N LEU A 106 6.15 15.05 -12.84
CA LEU A 106 6.05 13.86 -12.03
C LEU A 106 5.83 12.63 -12.88
N PRO A 107 6.91 11.92 -13.24
CA PRO A 107 6.83 10.71 -14.05
C PRO A 107 6.54 9.58 -13.07
N ILE A 108 5.71 8.62 -13.48
CA ILE A 108 5.38 7.50 -12.61
C ILE A 108 5.82 6.20 -13.26
N GLU A 109 6.78 5.50 -12.65
CA GLU A 109 7.24 4.22 -13.20
C GLU A 109 6.29 3.11 -12.80
N ASN A 110 5.77 3.20 -11.57
CA ASN A 110 4.86 2.17 -11.08
C ASN A 110 3.90 2.83 -10.10
N GLY A 111 2.60 2.67 -10.35
CA GLY A 111 1.60 3.28 -9.50
C GLY A 111 0.61 4.07 -10.33
N LEU A 112 -0.38 4.66 -9.66
CA LEU A 112 -1.43 5.42 -10.33
C LEU A 112 -1.84 6.64 -9.52
N ILE A 113 -2.35 7.65 -10.21
CA ILE A 113 -2.86 8.84 -9.55
C ILE A 113 -4.32 8.47 -9.27
N VAL A 114 -4.75 8.59 -8.02
CA VAL A 114 -6.13 8.23 -7.67
C VAL A 114 -6.91 9.35 -6.97
N GLY A 115 -6.39 10.58 -7.04
CA GLY A 115 -7.08 11.68 -6.39
C GLY A 115 -6.32 12.98 -6.51
N PHE A 116 -7.04 14.08 -6.30
CA PHE A 116 -6.48 15.43 -6.36
C PHE A 116 -6.97 16.29 -5.21
N LYS A 117 -6.13 17.25 -4.82
CA LYS A 117 -6.47 18.19 -3.76
C LYS A 117 -5.69 19.45 -4.14
N GLY A 118 -6.12 20.60 -3.64
CA GLY A 118 -5.43 21.82 -3.98
C GLY A 118 -6.21 23.04 -3.56
N SER A 119 -6.05 24.13 -4.32
CA SER A 119 -6.74 25.37 -3.99
C SER A 119 -6.93 26.21 -5.25
N ILE A 120 -8.10 26.83 -5.37
CA ILE A 120 -8.39 27.66 -6.52
C ILE A 120 -9.05 28.97 -6.11
N GLY A 121 -8.50 30.07 -6.61
CA GLY A 121 -9.06 31.39 -6.35
C GLY A 121 -9.39 31.88 -7.74
N TYR A 122 -8.66 32.87 -8.24
CA TYR A 122 -8.88 33.34 -9.60
C TYR A 122 -8.28 32.23 -10.48
N TRP A 123 -7.21 31.62 -9.99
CA TRP A 123 -6.53 30.54 -10.71
C TRP A 123 -6.15 29.40 -9.77
N LEU A 124 -5.66 28.30 -10.33
CA LEU A 124 -5.23 27.16 -9.52
C LEU A 124 -3.96 27.55 -8.77
N ASP A 125 -4.09 27.80 -7.47
CA ASP A 125 -2.97 28.20 -6.62
C ASP A 125 -1.92 27.10 -6.46
N TYR A 126 -2.39 25.89 -6.20
CA TYR A 126 -1.50 24.76 -6.02
C TYR A 126 -2.32 23.49 -6.02
N PHE A 127 -1.66 22.35 -6.17
CA PHE A 127 -2.36 21.08 -6.15
C PHE A 127 -1.43 19.96 -5.76
N SER A 128 -2.01 18.89 -5.23
CA SER A 128 -1.26 17.69 -4.84
C SER A 128 -2.01 16.51 -5.44
N MET A 129 -1.35 15.35 -5.48
CA MET A 129 -1.97 14.16 -6.04
C MET A 129 -1.84 12.95 -5.13
N TYR A 130 -2.89 12.15 -5.06
CA TYR A 130 -2.89 10.92 -4.27
C TYR A 130 -2.35 9.83 -5.20
N LEU A 131 -1.45 9.00 -4.69
CA LEU A 131 -0.86 7.91 -5.47
C LEU A 131 -1.10 6.57 -4.80
N SER A 132 -1.32 5.53 -5.61
CA SER A 132 -1.54 4.19 -5.08
C SER A 132 -1.14 3.14 -6.11
N LEU A 133 -1.00 1.91 -5.65
CA LEU A 133 -0.67 0.79 -6.53
C LEU A 133 -1.98 0.28 -7.12
N GLN B 3 -4.14 4.01 15.58
CA GLN B 3 -4.54 4.93 14.47
C GLN B 3 -6.04 5.19 14.50
N SER B 4 -6.54 5.89 13.48
CA SER B 4 -7.96 6.19 13.38
C SER B 4 -8.61 5.17 12.46
N GLY B 5 -9.87 5.40 12.14
CA GLY B 5 -10.59 4.49 11.28
C GLY B 5 -10.64 4.98 9.84
N ILE B 6 -9.71 5.85 9.47
CA ILE B 6 -9.68 6.39 8.11
C ILE B 6 -8.44 5.90 7.35
N SER B 7 -8.67 5.34 6.17
CA SER B 7 -7.61 4.81 5.31
C SER B 7 -6.63 5.89 4.86
N GLN B 8 -5.37 5.50 4.66
CA GLN B 8 -4.31 6.43 4.24
C GLN B 8 -3.81 6.16 2.83
N THR B 9 -3.25 7.18 2.21
CA THR B 9 -2.72 7.07 0.85
C THR B 9 -1.49 7.97 0.71
N VAL B 10 -0.56 7.59 -0.15
CA VAL B 10 0.61 8.41 -0.40
C VAL B 10 0.11 9.66 -1.11
N ILE B 11 0.65 10.82 -0.74
CA ILE B 11 0.26 12.08 -1.37
C ILE B 11 1.53 12.84 -1.71
N VAL B 12 1.68 13.24 -2.98
CA VAL B 12 2.85 14.01 -3.38
C VAL B 12 2.38 15.42 -3.75
N GLY B 13 3.24 16.40 -3.50
CA GLY B 13 2.91 17.78 -3.77
C GLY B 13 3.01 18.56 -2.48
N PRO B 14 2.56 19.82 -2.44
CA PRO B 14 1.92 20.51 -3.57
C PRO B 14 2.91 21.26 -4.46
N TRP B 15 2.46 21.54 -5.67
CA TRP B 15 3.23 22.32 -6.65
C TRP B 15 2.39 23.57 -6.81
N GLY B 16 3.05 24.72 -6.79
CA GLY B 16 2.35 25.99 -6.91
C GLY B 16 2.75 26.88 -5.74
N ALA B 17 1.80 27.68 -5.26
CA ALA B 17 2.06 28.58 -4.14
C ALA B 17 2.44 27.83 -2.87
N LYS B 18 3.27 28.45 -2.04
CA LYS B 18 3.70 27.83 -0.79
C LYS B 18 2.56 27.81 0.21
N GLY C 1 25.44 4.97 -18.53
CA GLY C 1 26.28 4.53 -17.39
C GLY C 1 25.85 3.20 -16.83
N LYS C 2 26.39 2.84 -15.68
CA LYS C 2 26.06 1.58 -15.01
C LYS C 2 24.81 1.74 -14.18
N ALA C 3 23.75 1.02 -14.54
CA ALA C 3 22.49 1.10 -13.80
C ALA C 3 22.58 0.41 -12.45
N PHE C 4 21.75 0.87 -11.51
CA PHE C 4 21.70 0.29 -10.18
C PHE C 4 20.27 0.37 -9.68
N ASP C 5 19.93 -0.52 -8.75
CA ASP C 5 18.59 -0.54 -8.18
C ASP C 5 18.73 -1.10 -6.77
N ASP C 6 18.68 -0.22 -5.78
CA ASP C 6 18.80 -0.66 -4.39
C ASP C 6 17.58 -1.42 -3.91
N GLY C 7 16.42 -1.10 -4.47
CA GLY C 7 15.20 -1.75 -4.04
C GLY C 7 14.55 -0.95 -2.92
N ALA C 8 13.55 -1.54 -2.26
CA ALA C 8 12.83 -0.86 -1.19
C ALA C 8 13.18 -1.36 0.21
N PHE C 9 13.24 -0.42 1.16
CA PHE C 9 13.56 -0.74 2.54
C PHE C 9 12.54 -0.15 3.50
N THR C 10 12.90 -0.09 4.79
CA THR C 10 12.02 0.42 5.84
C THR C 10 12.15 1.91 6.04
N GLY C 11 13.28 2.46 5.62
CA GLY C 11 13.51 3.89 5.79
C GLY C 11 14.93 4.24 5.39
N ILE C 12 15.30 5.50 5.60
CA ILE C 12 16.64 5.98 5.24
C ILE C 12 17.35 6.54 6.46
N ARG C 13 18.60 6.15 6.66
CA ARG C 13 19.40 6.61 7.80
C ARG C 13 20.51 7.58 7.40
N GLU C 14 21.14 7.34 6.26
CA GLU C 14 22.24 8.19 5.82
C GLU C 14 22.43 8.14 4.32
N ILE C 15 22.74 9.30 3.74
CA ILE C 15 22.98 9.39 2.30
C ILE C 15 24.39 9.91 2.12
N ASN C 16 25.14 9.27 1.24
CA ASN C 16 26.51 9.69 0.94
C ASN C 16 26.61 9.96 -0.54
N LEU C 17 26.94 11.18 -0.91
CA LEU C 17 27.06 11.52 -2.31
C LEU C 17 28.27 12.41 -2.53
N SER C 18 28.65 12.61 -3.77
CA SER C 18 29.79 13.46 -4.07
C SER C 18 29.39 14.32 -5.26
N TYR C 19 30.01 15.48 -5.37
CA TYR C 19 29.67 16.36 -6.48
C TYR C 19 30.90 17.17 -6.87
N ASN C 20 30.79 17.85 -7.99
CA ASN C 20 31.85 18.69 -8.51
C ASN C 20 31.20 20.03 -8.85
N LYS C 21 31.72 21.11 -8.29
CA LYS C 21 31.15 22.44 -8.52
C LYS C 21 31.07 22.90 -9.97
N GLU C 22 31.72 22.19 -10.89
CA GLU C 22 31.67 22.58 -12.28
C GLU C 22 30.89 21.64 -13.18
N THR C 23 30.63 20.43 -12.70
CA THR C 23 29.91 19.46 -13.52
C THR C 23 28.58 18.97 -12.95
N ALA C 24 28.62 17.89 -12.19
CA ALA C 24 27.39 17.33 -11.65
C ALA C 24 27.64 16.38 -10.47
N ILE C 25 26.61 15.63 -10.11
CA ILE C 25 26.70 14.68 -9.01
C ILE C 25 27.44 13.44 -9.49
N GLY C 26 28.30 12.89 -8.64
CA GLY C 26 29.05 11.71 -9.01
C GLY C 26 28.64 10.43 -8.30
N ASP C 27 29.22 10.19 -7.13
CA ASP C 27 28.94 8.97 -6.36
C ASP C 27 27.64 9.07 -5.56
N PHE C 28 27.00 7.93 -5.31
CA PHE C 28 25.75 7.91 -4.56
C PHE C 28 25.65 6.60 -3.78
N GLN C 29 25.44 6.71 -2.47
CA GLN C 29 25.34 5.53 -1.62
C GLN C 29 24.43 5.82 -0.44
N VAL C 30 23.58 4.86 -0.10
CA VAL C 30 22.63 5.04 0.98
C VAL C 30 22.70 3.97 2.06
N VAL C 31 22.55 4.40 3.31
CA VAL C 31 22.52 3.45 4.43
C VAL C 31 21.03 3.44 4.77
N TYR C 32 20.36 2.33 4.49
CA TYR C 32 18.94 2.20 4.75
C TYR C 32 18.69 1.61 6.12
N ASP C 33 17.42 1.60 6.50
CA ASP C 33 17.02 0.95 7.73
C ASP C 33 16.26 -0.25 7.19
N LEU C 34 16.47 -1.41 7.81
CA LEU C 34 15.77 -2.62 7.41
C LEU C 34 15.20 -3.20 8.68
N ASN C 35 13.92 -2.92 8.92
CA ASN C 35 13.22 -3.41 10.08
C ASN C 35 13.92 -3.08 11.39
N GLY C 36 14.46 -1.86 11.47
CA GLY C 36 15.13 -1.43 12.69
C GLY C 36 16.63 -1.58 12.72
N SER C 37 17.21 -2.22 11.72
CA SER C 37 18.66 -2.40 11.67
C SER C 37 19.24 -1.69 10.46
N PRO C 38 20.42 -1.07 10.63
CA PRO C 38 21.04 -0.38 9.49
C PRO C 38 21.41 -1.39 8.41
N TYR C 39 21.26 -1.00 7.15
CA TYR C 39 21.62 -1.88 6.06
C TYR C 39 22.35 -1.01 5.07
N VAL C 40 23.64 -1.31 4.88
CA VAL C 40 24.48 -0.52 3.98
C VAL C 40 24.31 -0.86 2.52
N GLY C 41 23.79 0.09 1.75
CA GLY C 41 23.61 -0.15 0.33
C GLY C 41 24.93 -0.12 -0.41
N GLN C 42 24.95 -0.69 -1.61
CA GLN C 42 26.16 -0.72 -2.42
C GLN C 42 26.54 0.70 -2.78
N ASN C 43 27.84 0.98 -2.82
CA ASN C 43 28.31 2.31 -3.19
C ASN C 43 28.28 2.35 -4.71
N HIS C 44 27.55 3.31 -5.28
CA HIS C 44 27.44 3.45 -6.71
C HIS C 44 28.40 4.58 -7.07
N LYS C 45 29.56 4.20 -7.59
CA LYS C 45 30.61 5.16 -7.91
C LYS C 45 30.74 5.63 -9.36
N SER C 46 31.18 6.87 -9.50
CA SER C 46 31.40 7.46 -10.81
C SER C 46 32.60 6.77 -11.44
N PHE C 47 32.68 6.82 -12.77
CA PHE C 47 33.80 6.21 -13.50
C PHE C 47 35.07 7.04 -13.33
N ILE C 48 34.93 8.27 -12.87
CA ILE C 48 36.09 9.14 -12.69
C ILE C 48 36.18 9.68 -11.26
N THR C 49 37.22 10.45 -10.98
CA THR C 49 37.42 11.02 -9.65
C THR C 49 37.39 12.55 -9.70
N GLY C 50 37.72 13.17 -8.59
CA GLY C 50 37.74 14.62 -8.51
C GLY C 50 36.51 15.24 -7.85
N PHE C 51 35.69 14.40 -7.22
CA PHE C 51 34.47 14.88 -6.57
C PHE C 51 34.65 15.21 -5.09
N THR C 52 33.75 16.03 -4.56
CA THR C 52 33.77 16.42 -3.16
C THR C 52 32.71 15.58 -2.45
N PRO C 53 33.12 14.78 -1.46
CA PRO C 53 32.16 13.93 -0.73
C PRO C 53 31.30 14.69 0.28
N VAL C 54 30.06 14.23 0.45
CA VAL C 54 29.13 14.83 1.39
C VAL C 54 28.42 13.71 2.13
N LYS C 55 28.32 13.83 3.45
CA LYS C 55 27.62 12.84 4.25
C LYS C 55 26.40 13.48 4.89
N ILE C 56 25.23 12.90 4.64
CA ILE C 56 23.99 13.40 5.21
C ILE C 56 23.52 12.36 6.21
N SER C 57 23.78 12.62 7.49
CA SER C 57 23.39 11.70 8.55
C SER C 57 22.08 12.14 9.17
N LEU C 58 21.02 11.38 8.92
CA LEU C 58 19.70 11.71 9.45
C LEU C 58 19.47 11.16 10.84
N ASP C 59 18.66 11.85 11.63
CA ASP C 59 18.34 11.40 12.97
C ASP C 59 17.13 10.47 12.88
N PHE C 60 17.35 9.30 12.30
CA PHE C 60 16.31 8.29 12.12
C PHE C 60 15.85 7.77 13.48
N PRO C 61 14.53 7.57 13.66
CA PRO C 61 13.44 7.77 12.70
C PRO C 61 12.68 9.10 12.83
N SER C 62 13.09 9.96 13.76
CA SER C 62 12.36 11.22 13.94
C SER C 62 12.56 12.17 12.77
N GLU C 63 13.70 12.08 12.10
CA GLU C 63 13.97 12.93 10.95
C GLU C 63 13.85 12.12 9.65
N TYR C 64 13.10 12.66 8.69
CA TYR C 64 12.92 12.00 7.41
C TYR C 64 12.77 13.04 6.30
N ILE C 65 13.07 12.62 5.08
CA ILE C 65 13.00 13.50 3.91
C ILE C 65 11.56 13.89 3.58
N MET C 66 11.33 15.18 3.34
CA MET C 66 10.00 15.67 2.99
C MET C 66 9.97 16.19 1.56
N GLU C 67 11.14 16.51 1.00
CA GLU C 67 11.22 16.98 -0.37
C GLU C 67 12.60 16.79 -0.96
N VAL C 68 12.63 16.37 -2.22
CA VAL C 68 13.88 16.17 -2.94
C VAL C 68 13.75 17.08 -4.16
N SER C 69 14.76 17.91 -4.39
CA SER C 69 14.72 18.80 -5.56
C SER C 69 16.10 18.83 -6.18
N GLY C 70 16.21 19.39 -7.38
CA GLY C 70 17.50 19.43 -8.01
C GLY C 70 17.42 20.03 -9.39
N TYR C 71 18.45 19.79 -10.19
CA TYR C 71 18.53 20.29 -11.55
C TYR C 71 19.10 19.23 -12.48
N THR C 72 18.58 19.18 -13.70
CA THR C 72 19.11 18.26 -14.69
C THR C 72 19.61 19.15 -15.82
N GLY C 73 20.72 18.76 -16.45
CA GLY C 73 21.25 19.58 -17.51
C GLY C 73 22.31 18.86 -18.31
N ASN C 74 22.76 19.50 -19.39
CA ASN C 74 23.76 18.92 -20.25
C ASN C 74 25.18 19.16 -19.75
N VAL C 75 25.96 18.08 -19.72
CA VAL C 75 27.36 18.15 -19.29
C VAL C 75 28.13 17.34 -20.32
N SER C 76 28.95 18.01 -21.12
CA SER C 76 29.73 17.33 -22.14
C SER C 76 28.87 16.50 -23.09
N GLY C 77 27.69 17.00 -23.40
CA GLY C 77 26.79 16.30 -24.31
C GLY C 77 25.84 15.30 -23.65
N TYR C 78 25.96 15.11 -22.34
CA TYR C 78 25.12 14.16 -21.62
C TYR C 78 24.16 14.87 -20.67
N VAL C 79 22.89 14.47 -20.70
CA VAL C 79 21.89 15.04 -19.81
C VAL C 79 22.03 14.27 -18.50
N VAL C 80 22.38 14.98 -17.42
CA VAL C 80 22.56 14.35 -16.12
C VAL C 80 21.97 15.17 -14.98
N VAL C 81 22.01 14.59 -13.78
CA VAL C 81 21.51 15.27 -12.58
C VAL C 81 22.68 16.11 -12.08
N ARG C 82 22.55 17.44 -12.20
CA ARG C 82 23.64 18.33 -11.81
C ARG C 82 23.63 18.78 -10.36
N SER C 83 22.47 18.75 -9.73
CA SER C 83 22.36 19.20 -8.36
C SER C 83 21.24 18.48 -7.63
N LEU C 84 21.40 18.34 -6.33
CA LEU C 84 20.39 17.70 -5.49
C LEU C 84 20.31 18.46 -4.18
N THR C 85 19.09 18.53 -3.64
CA THR C 85 18.83 19.18 -2.36
C THR C 85 17.86 18.27 -1.62
N PHE C 86 18.15 18.01 -0.36
CA PHE C 86 17.27 17.17 0.45
C PHE C 86 16.74 17.97 1.62
N LYS C 87 15.41 18.09 1.71
CA LYS C 87 14.80 18.82 2.81
C LYS C 87 14.08 17.84 3.73
N THR C 88 14.42 17.87 5.01
CA THR C 88 13.77 16.99 5.97
C THR C 88 12.89 17.84 6.86
N ASN C 89 12.21 17.21 7.81
CA ASN C 89 11.33 17.94 8.72
C ASN C 89 12.17 18.73 9.72
N LYS C 90 13.49 18.57 9.66
CA LYS C 90 14.38 19.28 10.57
C LYS C 90 15.27 20.32 9.91
N LYS C 91 15.76 20.05 8.71
CA LYS C 91 16.62 21.02 8.03
C LYS C 91 16.77 20.75 6.55
N THR C 92 17.52 21.61 5.87
CA THR C 92 17.76 21.48 4.45
C THR C 92 19.22 21.13 4.18
N TYR C 93 19.44 20.07 3.41
CA TYR C 93 20.77 19.64 3.07
C TYR C 93 21.04 19.93 1.60
N GLY C 94 21.95 20.86 1.35
CA GLY C 94 22.28 21.22 -0.02
C GLY C 94 21.95 22.69 -0.27
N PRO C 95 21.89 23.12 -1.54
CA PRO C 95 22.13 22.29 -2.73
C PRO C 95 23.57 21.83 -2.89
N TYR C 96 23.74 20.67 -3.50
CA TYR C 96 25.06 20.10 -3.76
C TYR C 96 25.19 20.02 -5.27
N GLY C 97 26.27 20.54 -5.82
CA GLY C 97 26.44 20.49 -7.26
C GLY C 97 26.19 21.81 -7.93
N VAL C 98 25.76 21.76 -9.19
CA VAL C 98 25.51 22.97 -9.97
C VAL C 98 24.02 23.27 -10.13
N THR C 99 23.57 24.39 -9.59
CA THR C 99 22.16 24.79 -9.68
C THR C 99 21.90 25.54 -10.98
N SER C 100 21.95 24.80 -12.09
CA SER C 100 21.72 25.35 -13.42
C SER C 100 21.10 24.29 -14.31
N GLY C 101 20.20 24.70 -15.19
CA GLY C 101 19.55 23.75 -16.08
C GLY C 101 18.05 23.72 -15.85
N THR C 102 17.45 22.53 -15.88
CA THR C 102 16.02 22.39 -15.67
C THR C 102 15.76 21.88 -14.27
N PRO C 103 14.99 22.64 -13.46
CA PRO C 103 14.72 22.18 -12.10
C PRO C 103 13.63 21.13 -12.03
N PHE C 104 13.62 20.38 -10.93
CA PHE C 104 12.60 19.38 -10.68
C PHE C 104 12.49 19.32 -9.16
N ASN C 105 11.32 18.93 -8.66
CA ASN C 105 11.18 18.81 -7.21
C ASN C 105 10.03 17.90 -6.87
N LEU C 106 10.22 17.10 -5.83
CA LEU C 106 9.20 16.16 -5.38
C LEU C 106 8.93 16.36 -3.91
N PRO C 107 7.87 17.12 -3.58
CA PRO C 107 7.51 17.35 -2.18
C PRO C 107 6.60 16.19 -1.81
N ILE C 108 6.67 15.73 -0.56
CA ILE C 108 5.82 14.63 -0.12
C ILE C 108 4.93 15.11 1.02
N GLU C 109 3.61 14.99 0.85
CA GLU C 109 2.68 15.40 1.91
C GLU C 109 2.45 14.24 2.87
N ASN C 110 2.36 13.03 2.32
CA ASN C 110 2.13 11.84 3.13
C ASN C 110 2.88 10.68 2.48
N GLY C 111 3.72 10.02 3.26
CA GLY C 111 4.49 8.92 2.72
C GLY C 111 5.97 9.09 2.97
N LEU C 112 6.76 8.11 2.54
CA LEU C 112 8.19 8.12 2.75
C LEU C 112 8.97 7.59 1.55
N ILE C 113 10.18 8.11 1.38
CA ILE C 113 11.04 7.62 0.31
C ILE C 113 11.71 6.40 0.95
N VAL C 114 11.62 5.24 0.32
CA VAL C 114 12.21 4.03 0.90
C VAL C 114 13.24 3.33 0.02
N GLY C 115 13.64 3.96 -1.07
CA GLY C 115 14.63 3.33 -1.93
C GLY C 115 14.98 4.17 -3.14
N PHE C 116 16.12 3.86 -3.75
CA PHE C 116 16.58 4.57 -4.95
C PHE C 116 17.06 3.61 -6.02
N LYS C 117 16.99 4.07 -7.26
CA LYS C 117 17.46 3.32 -8.42
C LYS C 117 17.87 4.40 -9.42
N GLY C 118 18.74 4.05 -10.36
CA GLY C 118 19.19 5.02 -11.33
C GLY C 118 20.35 4.50 -12.15
N SER C 119 21.23 5.40 -12.57
CA SER C 119 22.38 5.02 -13.37
C SER C 119 23.49 6.06 -13.19
N ILE C 120 24.73 5.58 -13.13
CA ILE C 120 25.87 6.47 -12.97
C ILE C 120 27.02 6.09 -13.90
N GLY C 121 27.48 7.05 -14.69
CA GLY C 121 28.61 6.83 -15.59
C GLY C 121 29.64 7.78 -15.03
N TYR C 122 29.97 8.84 -15.76
CA TYR C 122 30.89 9.82 -15.21
C TYR C 122 30.09 10.54 -14.13
N TRP C 123 28.79 10.71 -14.39
CA TRP C 123 27.90 11.40 -13.47
C TRP C 123 26.57 10.65 -13.33
N LEU C 124 25.73 11.12 -12.41
CA LEU C 124 24.43 10.50 -12.19
C LEU C 124 23.54 10.81 -13.40
N ASP C 125 23.28 9.81 -14.23
CA ASP C 125 22.48 9.97 -15.43
C ASP C 125 21.02 10.26 -15.14
N TYR C 126 20.45 9.50 -14.21
CA TYR C 126 19.06 9.66 -13.83
C TYR C 126 18.78 8.85 -12.58
N PHE C 127 17.65 9.10 -11.95
CA PHE C 127 17.29 8.34 -10.76
C PHE C 127 15.79 8.39 -10.52
N SER C 128 15.30 7.40 -9.79
CA SER C 128 13.90 7.29 -9.44
C SER C 128 13.87 6.95 -7.97
N MET C 129 12.71 7.10 -7.35
CA MET C 129 12.56 6.83 -5.92
C MET C 129 11.36 5.96 -5.63
N TYR C 130 11.54 5.05 -4.68
CA TYR C 130 10.46 4.17 -4.24
C TYR C 130 9.75 4.93 -3.12
N LEU C 131 8.43 4.95 -3.15
CA LEU C 131 7.63 5.64 -2.14
C LEU C 131 6.69 4.64 -1.47
N SER C 132 6.45 4.84 -0.18
CA SER C 132 5.57 3.95 0.55
C SER C 132 5.06 4.61 1.81
N LEU C 133 4.03 4.01 2.41
CA LEU C 133 3.52 4.50 3.68
C LEU C 133 4.34 3.73 4.71
N GLN D 3 -0.15 -12.73 -10.85
CA GLN D 3 0.63 -12.09 -9.74
C GLN D 3 1.89 -12.91 -9.43
N SER D 4 2.99 -12.23 -9.14
CA SER D 4 4.22 -12.91 -8.82
C SER D 4 4.44 -12.83 -7.31
N GLY D 5 5.46 -13.54 -6.82
CA GLY D 5 5.74 -13.53 -5.41
C GLY D 5 6.61 -12.36 -4.99
N ILE D 6 6.74 -11.35 -5.84
CA ILE D 6 7.55 -10.19 -5.53
C ILE D 6 6.70 -8.98 -5.12
N SER D 7 6.97 -8.44 -3.93
CA SER D 7 6.23 -7.29 -3.41
C SER D 7 6.49 -6.08 -4.29
N GLN D 8 5.47 -5.23 -4.46
CA GLN D 8 5.58 -4.02 -5.28
C GLN D 8 5.42 -2.77 -4.44
N THR D 9 5.95 -1.66 -4.95
CA THR D 9 5.82 -0.37 -4.27
C THR D 9 5.74 0.71 -5.35
N VAL D 10 5.15 1.85 -4.99
CA VAL D 10 5.05 2.97 -5.92
C VAL D 10 6.46 3.46 -6.26
N ILE D 11 6.69 3.77 -7.53
CA ILE D 11 7.99 4.28 -7.98
C ILE D 11 7.78 5.52 -8.84
N VAL D 12 8.43 6.61 -8.48
CA VAL D 12 8.30 7.85 -9.24
C VAL D 12 9.65 8.20 -9.86
N GLY D 13 9.59 8.79 -11.05
CA GLY D 13 10.80 9.14 -11.76
C GLY D 13 10.74 8.42 -13.10
N PRO D 14 11.84 8.41 -13.86
CA PRO D 14 13.10 9.02 -13.47
C PRO D 14 13.25 10.49 -13.86
N TRP D 15 14.20 11.15 -13.21
CA TRP D 15 14.52 12.54 -13.51
C TRP D 15 15.96 12.46 -14.03
N GLY D 16 16.22 13.15 -15.13
CA GLY D 16 17.55 13.12 -15.72
C GLY D 16 17.46 12.66 -17.16
N ALA D 17 18.50 11.98 -17.63
CA ALA D 17 18.52 11.49 -19.01
C ALA D 17 17.33 10.58 -19.28
N LYS D 18 16.85 10.56 -20.51
CA LYS D 18 15.72 9.71 -20.85
C LYS D 18 16.19 8.35 -21.34
N GLY E 1 -24.56 -18.92 -5.48
CA GLY E 1 -25.34 -17.68 -5.23
C GLY E 1 -24.87 -16.55 -6.14
N LYS E 2 -25.48 -15.37 -5.99
CA LYS E 2 -25.10 -14.22 -6.80
C LYS E 2 -23.94 -13.48 -6.16
N ALA E 3 -22.83 -13.40 -6.88
CA ALA E 3 -21.63 -12.73 -6.38
C ALA E 3 -21.80 -11.22 -6.34
N PHE E 4 -21.11 -10.59 -5.40
CA PHE E 4 -21.12 -9.13 -5.25
C PHE E 4 -19.72 -8.69 -4.89
N ASP E 5 -19.41 -7.43 -5.17
CA ASP E 5 -18.09 -6.89 -4.86
C ASP E 5 -18.26 -5.39 -4.68
N ASP E 6 -18.32 -4.96 -3.42
CA ASP E 6 -18.48 -3.53 -3.12
C ASP E 6 -17.25 -2.72 -3.51
N GLY E 7 -16.07 -3.33 -3.41
CA GLY E 7 -14.86 -2.62 -3.74
C GLY E 7 -14.26 -2.02 -2.48
N ALA E 8 -13.25 -1.16 -2.63
CA ALA E 8 -12.59 -0.56 -1.49
C ALA E 8 -12.97 0.90 -1.29
N PHE E 9 -13.13 1.28 -0.02
CA PHE E 9 -13.48 2.65 0.33
C PHE E 9 -12.46 3.17 1.36
N THR E 10 -12.79 4.22 2.09
CA THR E 10 -11.85 4.75 3.06
C THR E 10 -12.14 4.40 4.51
N GLY E 11 -13.26 3.71 4.73
CA GLY E 11 -13.61 3.31 6.09
C GLY E 11 -15.00 2.69 6.14
N ILE E 12 -15.44 2.30 7.33
CA ILE E 12 -16.75 1.71 7.51
C ILE E 12 -17.55 2.47 8.56
N ARG E 13 -18.80 2.78 8.24
CA ARG E 13 -19.66 3.50 9.16
C ARG E 13 -20.75 2.64 9.79
N GLU E 14 -21.37 1.79 8.98
CA GLU E 14 -22.45 0.95 9.48
C GLU E 14 -22.60 -0.36 8.70
N ILE E 15 -22.95 -1.43 9.40
CA ILE E 15 -23.14 -2.73 8.76
C ILE E 15 -24.55 -3.23 9.05
N ASN E 16 -25.27 -3.62 8.00
CA ASN E 16 -26.63 -4.14 8.15
C ASN E 16 -26.67 -5.56 7.61
N LEU E 17 -26.99 -6.51 8.49
CA LEU E 17 -27.07 -7.90 8.09
C LEU E 17 -28.27 -8.58 8.72
N SER E 18 -28.60 -9.75 8.23
CA SER E 18 -29.72 -10.50 8.78
C SER E 18 -29.28 -11.95 8.93
N TYR E 19 -29.89 -12.64 9.88
CA TYR E 19 -29.55 -14.04 10.11
C TYR E 19 -30.79 -14.81 10.54
N ASN E 20 -30.64 -16.12 10.63
CA ASN E 20 -31.70 -17.02 11.06
C ASN E 20 -30.99 -18.02 11.97
N LYS E 21 -31.42 -18.11 13.21
CA LYS E 21 -30.79 -19.00 14.18
C LYS E 21 -30.82 -20.48 13.83
N GLU E 22 -31.46 -20.85 12.73
CA GLU E 22 -31.51 -22.25 12.34
C GLU E 22 -30.76 -22.54 11.06
N THR E 23 -30.37 -21.48 10.35
CA THR E 23 -29.64 -21.65 9.11
C THR E 23 -28.32 -20.88 9.09
N ALA E 24 -28.34 -19.69 8.50
CA ALA E 24 -27.11 -18.91 8.41
C ALA E 24 -27.39 -17.43 8.17
N ILE E 25 -26.34 -16.70 7.80
CA ILE E 25 -26.47 -15.29 7.52
C ILE E 25 -27.19 -15.12 6.19
N GLY E 26 -28.05 -14.12 6.12
CA GLY E 26 -28.79 -13.90 4.90
C GLY E 26 -28.38 -12.64 4.14
N ASP E 27 -28.99 -11.52 4.47
CA ASP E 27 -28.68 -10.25 3.80
C ASP E 27 -27.42 -9.58 4.33
N PHE E 28 -26.81 -8.74 3.50
CA PHE E 28 -25.59 -8.03 3.90
C PHE E 28 -25.51 -6.71 3.13
N GLN E 29 -25.40 -5.61 3.87
CA GLN E 29 -25.30 -4.28 3.28
C GLN E 29 -24.39 -3.43 4.15
N VAL E 30 -23.57 -2.59 3.51
CA VAL E 30 -22.64 -1.77 4.28
C VAL E 30 -22.69 -0.28 3.92
N VAL E 31 -22.60 0.57 4.93
CA VAL E 31 -22.56 2.01 4.66
C VAL E 31 -21.08 2.33 4.89
N TYR E 32 -20.39 2.66 3.81
CA TYR E 32 -18.97 2.96 3.89
C TYR E 32 -18.73 4.45 4.03
N ASP E 33 -17.49 4.79 4.37
CA ASP E 33 -17.11 6.18 4.42
C ASP E 33 -16.35 6.35 3.11
N LEU E 34 -16.59 7.46 2.42
CA LEU E 34 -15.90 7.73 1.18
C LEU E 34 -15.33 9.13 1.30
N ASN E 35 -14.06 9.20 1.71
CA ASN E 35 -13.37 10.47 1.87
C ASN E 35 -14.13 11.44 2.77
N GLY E 36 -14.63 10.93 3.90
CA GLY E 36 -15.33 11.79 4.84
C GLY E 36 -16.84 11.85 4.74
N SER E 37 -17.40 11.30 3.66
CA SER E 37 -18.85 11.29 3.48
C SER E 37 -19.37 9.86 3.43
N PRO E 38 -20.60 9.65 3.95
CA PRO E 38 -21.19 8.31 3.95
C PRO E 38 -21.51 7.87 2.52
N TYR E 39 -21.26 6.59 2.24
CA TYR E 39 -21.58 6.03 0.92
C TYR E 39 -22.35 4.75 1.16
N VAL E 40 -23.61 4.73 0.77
CA VAL E 40 -24.47 3.56 0.96
C VAL E 40 -24.21 2.49 -0.08
N GLY E 41 -23.67 1.36 0.35
CA GLY E 41 -23.41 0.27 -0.58
C GLY E 41 -24.71 -0.42 -0.95
N GLN E 42 -24.71 -1.12 -2.08
CA GLN E 42 -25.91 -1.83 -2.51
C GLN E 42 -26.31 -2.88 -1.49
N ASN E 43 -27.61 -3.13 -1.40
CA ASN E 43 -28.09 -4.14 -0.47
C ASN E 43 -28.02 -5.48 -1.18
N HIS E 44 -27.28 -6.41 -0.59
CA HIS E 44 -27.12 -7.74 -1.16
C HIS E 44 -28.07 -8.62 -0.37
N LYS E 45 -29.15 -9.05 -1.02
CA LYS E 45 -30.17 -9.84 -0.33
C LYS E 45 -30.26 -11.32 -0.70
N SER E 46 -30.71 -12.10 0.27
CA SER E 46 -30.90 -13.54 0.10
C SER E 46 -32.05 -13.78 -0.88
N PHE E 47 -32.07 -14.94 -1.51
CA PHE E 47 -33.13 -15.28 -2.44
C PHE E 47 -34.44 -15.56 -1.68
N ILE E 48 -34.35 -15.72 -0.37
CA ILE E 48 -35.53 -15.99 0.45
C ILE E 48 -35.67 -14.99 1.59
N THR E 49 -36.73 -15.16 2.39
CA THR E 49 -36.98 -14.26 3.51
C THR E 49 -37.07 -15.01 4.83
N GLY E 50 -37.39 -14.29 5.91
CA GLY E 50 -37.51 -14.90 7.21
C GLY E 50 -36.32 -14.69 8.14
N PHE E 51 -35.49 -13.71 7.80
CA PHE E 51 -34.29 -13.40 8.59
C PHE E 51 -34.51 -12.29 9.61
N THR E 52 -33.69 -12.28 10.66
CA THR E 52 -33.75 -11.26 11.70
C THR E 52 -32.73 -10.17 11.36
N PRO E 53 -33.21 -8.93 11.14
CA PRO E 53 -32.32 -7.81 10.81
C PRO E 53 -31.50 -7.32 12.01
N VAL E 54 -30.27 -6.92 11.74
CA VAL E 54 -29.36 -6.41 12.76
C VAL E 54 -28.65 -5.19 12.17
N LYS E 55 -28.57 -4.11 12.93
CA LYS E 55 -27.88 -2.91 12.47
C LYS E 55 -26.72 -2.62 13.39
N ILE E 56 -25.52 -2.51 12.81
CA ILE E 56 -24.33 -2.21 13.58
C ILE E 56 -23.84 -0.82 13.18
N SER E 57 -24.11 0.15 14.03
CA SER E 57 -23.72 1.54 13.79
C SER E 57 -22.45 1.87 14.55
N LEU E 58 -21.36 2.05 13.81
CA LEU E 58 -20.07 2.37 14.42
C LEU E 58 -19.90 3.86 14.63
N ASP E 59 -19.20 4.22 15.70
CA ASP E 59 -18.95 5.62 16.00
C ASP E 59 -17.71 6.05 15.21
N PHE E 60 -17.87 6.10 13.90
CA PHE E 60 -16.81 6.50 12.98
C PHE E 60 -16.40 7.94 13.29
N PRO E 61 -15.09 8.26 13.26
CA PRO E 61 -13.99 7.34 12.95
C PRO E 61 -13.23 6.81 14.15
N SER E 62 -13.66 7.18 15.36
CA SER E 62 -12.98 6.73 16.57
C SER E 62 -13.14 5.23 16.81
N GLU E 63 -14.26 4.67 16.35
CA GLU E 63 -14.51 3.24 16.52
C GLU E 63 -14.30 2.52 15.17
N TYR E 64 -13.54 1.44 15.20
CA TYR E 64 -13.26 0.66 13.98
C TYR E 64 -13.07 -0.81 14.32
N ILE E 65 -13.33 -1.68 13.34
CA ILE E 65 -13.21 -3.13 13.53
C ILE E 65 -11.77 -3.58 13.72
N MET E 66 -11.52 -4.38 14.76
CA MET E 66 -10.19 -4.89 15.05
C MET E 66 -10.12 -6.40 14.81
N GLU E 67 -11.28 -7.06 14.79
CA GLU E 67 -11.31 -8.50 14.56
C GLU E 67 -12.67 -8.96 14.05
N VAL E 68 -12.63 -9.86 13.07
CA VAL E 68 -13.85 -10.43 12.50
C VAL E 68 -13.72 -11.93 12.72
N SER E 69 -14.77 -12.55 13.24
CA SER E 69 -14.74 -13.99 13.45
C SER E 69 -16.12 -14.55 13.14
N GLY E 70 -16.19 -15.87 13.00
CA GLY E 70 -17.46 -16.49 12.70
C GLY E 70 -17.34 -17.99 12.54
N TYR E 71 -18.34 -18.59 11.91
CA TYR E 71 -18.36 -20.02 11.68
C TYR E 71 -18.89 -20.30 10.28
N THR E 72 -18.31 -21.30 9.63
CA THR E 72 -18.77 -21.71 8.32
C THR E 72 -19.20 -23.17 8.52
N GLY E 73 -20.16 -23.62 7.75
CA GLY E 73 -20.62 -24.98 7.91
C GLY E 73 -21.64 -25.34 6.87
N ASN E 74 -22.05 -26.59 6.87
CA ASN E 74 -23.02 -27.05 5.89
C ASN E 74 -24.47 -26.83 6.28
N VAL E 75 -25.21 -26.29 5.32
CA VAL E 75 -26.63 -26.06 5.50
C VAL E 75 -27.24 -26.49 4.17
N SER E 76 -28.13 -27.48 4.22
CA SER E 76 -28.79 -27.98 3.02
C SER E 76 -27.82 -28.46 1.93
N GLY E 77 -26.68 -29.00 2.33
CA GLY E 77 -25.72 -29.49 1.35
C GLY E 77 -24.77 -28.45 0.77
N TYR E 78 -24.84 -27.23 1.28
CA TYR E 78 -23.98 -26.13 0.81
C TYR E 78 -23.11 -25.65 1.97
N VAL E 79 -21.90 -25.21 1.66
CA VAL E 79 -21.03 -24.67 2.69
C VAL E 79 -21.30 -23.16 2.69
N VAL E 80 -21.71 -22.62 3.83
CA VAL E 80 -22.01 -21.20 3.93
C VAL E 80 -21.49 -20.60 5.23
N VAL E 81 -21.63 -19.28 5.35
CA VAL E 81 -21.20 -18.56 6.54
C VAL E 81 -22.41 -18.59 7.48
N ARG E 82 -22.29 -19.31 8.59
CA ARG E 82 -23.41 -19.43 9.52
C ARG E 82 -23.47 -18.39 10.61
N SER E 83 -22.33 -17.78 10.94
CA SER E 83 -22.31 -16.79 12.00
C SER E 83 -21.17 -15.78 11.82
N LEU E 84 -21.40 -14.56 12.32
CA LEU E 84 -20.39 -13.50 12.25
C LEU E 84 -20.36 -12.71 13.55
N THR E 85 -19.16 -12.27 13.92
CA THR E 85 -18.96 -11.47 15.12
C THR E 85 -18.00 -10.36 14.74
N PHE E 86 -18.32 -9.13 15.14
CA PHE E 86 -17.47 -7.97 14.84
C PHE E 86 -17.00 -7.36 16.14
N LYS E 87 -15.68 -7.32 16.33
CA LYS E 87 -15.10 -6.73 17.52
C LYS E 87 -14.40 -5.43 17.17
N THR E 88 -14.78 -4.34 17.82
CA THR E 88 -14.15 -3.05 17.57
C THR E 88 -13.28 -2.70 18.77
N ASN E 89 -12.69 -1.52 18.73
CA ASN E 89 -11.84 -1.07 19.82
C ASN E 89 -12.71 -0.60 20.99
N LYS E 90 -14.02 -0.62 20.79
CA LYS E 90 -14.94 -0.18 21.84
C LYS E 90 -15.95 -1.22 22.28
N LYS E 91 -16.36 -2.10 21.39
CA LYS E 91 -17.37 -3.10 21.74
C LYS E 91 -17.35 -4.34 20.85
N THR E 92 -18.08 -5.37 21.28
CA THR E 92 -18.19 -6.61 20.52
C THR E 92 -19.63 -6.74 20.04
N TYR E 93 -19.79 -6.88 18.73
CA TYR E 93 -21.11 -7.03 18.14
C TYR E 93 -21.28 -8.47 17.67
N GLY E 94 -22.23 -9.18 18.29
CA GLY E 94 -22.47 -10.56 17.92
C GLY E 94 -22.17 -11.49 19.08
N PRO E 95 -22.12 -12.81 18.83
CA PRO E 95 -22.32 -13.42 17.52
C PRO E 95 -23.74 -13.35 16.98
N TYR E 96 -23.85 -13.30 15.66
CA TYR E 96 -25.12 -13.26 14.98
C TYR E 96 -25.24 -14.51 14.14
N GLY E 97 -26.23 -15.35 14.42
CA GLY E 97 -26.40 -16.57 13.66
C GLY E 97 -26.12 -17.81 14.48
N VAL E 98 -25.81 -18.91 13.81
CA VAL E 98 -25.53 -20.17 14.47
C VAL E 98 -24.03 -20.37 14.68
N THR E 99 -23.60 -20.45 15.94
CA THR E 99 -22.19 -20.67 16.25
C THR E 99 -21.88 -22.16 16.22
N SER E 100 -22.01 -22.76 15.05
CA SER E 100 -21.74 -24.19 14.88
C SER E 100 -21.01 -24.43 13.56
N GLY E 101 -20.05 -25.34 13.58
CA GLY E 101 -19.30 -25.65 12.39
C GLY E 101 -17.81 -25.44 12.56
N THR E 102 -17.18 -24.85 11.56
CA THR E 102 -15.74 -24.59 11.59
C THR E 102 -15.50 -23.11 11.87
N PRO E 103 -14.83 -22.79 12.97
CA PRO E 103 -14.58 -21.38 13.26
C PRO E 103 -13.47 -20.77 12.41
N PHE E 104 -13.47 -19.44 12.35
CA PHE E 104 -12.44 -18.70 11.63
C PHE E 104 -12.39 -17.35 12.33
N ASN E 105 -11.24 -16.70 12.30
CA ASN E 105 -11.12 -15.40 12.93
C ASN E 105 -9.98 -14.62 12.29
N LEU E 106 -10.20 -13.33 12.09
CA LEU E 106 -9.19 -12.47 11.48
C LEU E 106 -8.89 -11.28 12.37
N PRO E 107 -7.88 -11.39 13.24
CA PRO E 107 -7.51 -10.29 14.12
C PRO E 107 -6.61 -9.38 13.29
N ILE E 108 -6.76 -8.06 13.44
CA ILE E 108 -5.93 -7.12 12.69
C ILE E 108 -5.06 -6.36 13.69
N GLU E 109 -3.75 -6.48 13.54
CA GLU E 109 -2.83 -5.81 14.44
C GLU E 109 -2.55 -4.39 13.94
N ASN E 110 -2.44 -4.24 12.62
CA ASN E 110 -2.21 -2.93 12.01
C ASN E 110 -2.92 -2.93 10.67
N GLY E 111 -3.81 -1.97 10.48
CA GLY E 111 -4.55 -1.90 9.22
C GLY E 111 -6.03 -1.72 9.46
N LEU E 112 -6.79 -1.62 8.37
CA LEU E 112 -8.24 -1.41 8.46
C LEU E 112 -8.99 -2.18 7.37
N ILE E 113 -10.22 -2.58 7.69
CA ILE E 113 -11.07 -3.25 6.71
C ILE E 113 -11.71 -2.09 5.95
N VAL E 114 -11.62 -2.08 4.62
CA VAL E 114 -12.19 -1.00 3.84
C VAL E 114 -13.13 -1.43 2.73
N GLY E 115 -13.56 -2.69 2.76
CA GLY E 115 -14.45 -3.17 1.72
C GLY E 115 -14.78 -4.63 1.87
N PHE E 116 -15.86 -5.06 1.22
CA PHE E 116 -16.32 -6.44 1.26
C PHE E 116 -16.73 -6.94 -0.11
N LYS E 117 -16.63 -8.26 -0.30
CA LYS E 117 -17.06 -8.89 -1.53
C LYS E 117 -17.47 -10.30 -1.10
N GLY E 118 -18.27 -10.96 -1.91
CA GLY E 118 -18.70 -12.29 -1.56
C GLY E 118 -19.77 -12.81 -2.49
N SER E 119 -20.66 -13.64 -1.95
CA SER E 119 -21.73 -14.23 -2.74
C SER E 119 -22.88 -14.61 -1.83
N ILE E 120 -24.10 -14.40 -2.31
CA ILE E 120 -25.28 -14.74 -1.53
C ILE E 120 -26.34 -15.43 -2.40
N GLY E 121 -26.80 -16.57 -1.93
CA GLY E 121 -27.85 -17.31 -2.62
C GLY E 121 -28.95 -17.28 -1.58
N TYR E 122 -29.27 -18.42 -0.98
CA TYR E 122 -30.26 -18.43 0.09
C TYR E 122 -29.53 -17.81 1.28
N TRP E 123 -28.23 -18.08 1.36
CA TRP E 123 -27.39 -17.57 2.44
C TRP E 123 -26.07 -17.03 1.91
N LEU E 124 -25.30 -16.41 2.79
CA LEU E 124 -24.00 -15.87 2.43
C LEU E 124 -23.08 -17.07 2.17
N ASP E 125 -22.74 -17.31 0.91
CA ASP E 125 -21.89 -18.44 0.53
C ASP E 125 -20.46 -18.29 1.03
N TYR E 126 -19.92 -17.09 0.85
CA TYR E 126 -18.55 -16.80 1.27
C TYR E 126 -18.35 -15.30 1.18
N PHE E 127 -17.29 -14.81 1.81
CA PHE E 127 -17.00 -13.39 1.75
C PHE E 127 -15.50 -13.16 1.94
N SER E 128 -15.04 -12.02 1.44
CA SER E 128 -13.64 -11.63 1.57
C SER E 128 -13.63 -10.17 2.02
N MET E 129 -12.48 -9.71 2.49
CA MET E 129 -12.36 -8.33 2.97
C MET E 129 -11.15 -7.59 2.40
N TYR E 130 -11.37 -6.34 2.01
CA TYR E 130 -10.29 -5.50 1.50
C TYR E 130 -9.60 -4.89 2.73
N LEU E 131 -8.27 -4.91 2.75
CA LEU E 131 -7.53 -4.34 3.87
C LEU E 131 -6.59 -3.24 3.37
N SER E 132 -6.43 -2.19 4.18
CA SER E 132 -5.56 -1.09 3.80
C SER E 132 -5.00 -0.41 5.04
N LEU E 133 -3.98 0.42 4.85
CA LEU E 133 -3.41 1.17 5.96
C LEU E 133 -4.19 2.47 6.06
N GLN F 3 0.54 -2.16 -16.48
CA GLN F 3 -0.62 -2.57 -15.64
C GLN F 3 -1.92 -1.97 -16.18
N SER F 4 -2.95 -1.94 -15.36
CA SER F 4 -4.23 -1.38 -15.75
C SER F 4 -4.43 -0.10 -14.96
N GLY F 5 -5.44 0.68 -15.34
CA GLY F 5 -5.70 1.93 -14.64
C GLY F 5 -6.56 1.74 -13.40
N ILE F 6 -6.63 0.51 -12.89
CA ILE F 6 -7.43 0.23 -11.71
C ILE F 6 -6.57 0.00 -10.48
N SER F 7 -6.84 0.78 -9.43
CA SER F 7 -6.12 0.68 -8.18
C SER F 7 -6.40 -0.66 -7.50
N GLN F 8 -5.42 -1.19 -6.78
CA GLN F 8 -5.64 -2.46 -6.10
C GLN F 8 -5.30 -2.37 -4.62
N THR F 9 -5.80 -3.32 -3.84
CA THR F 9 -5.56 -3.33 -2.41
C THR F 9 -5.47 -4.79 -1.97
N VAL F 10 -4.91 -5.02 -0.80
CA VAL F 10 -4.81 -6.37 -0.27
C VAL F 10 -6.23 -6.89 -0.04
N ILE F 11 -6.45 -8.17 -0.36
CA ILE F 11 -7.77 -8.78 -0.13
C ILE F 11 -7.54 -10.13 0.52
N VAL F 12 -8.15 -10.33 1.69
CA VAL F 12 -8.01 -11.61 2.39
C VAL F 12 -9.33 -12.35 2.32
N GLY F 13 -9.25 -13.67 2.26
CA GLY F 13 -10.45 -14.47 2.15
C GLY F 13 -10.35 -15.31 0.88
N PRO F 14 -11.43 -15.97 0.46
CA PRO F 14 -12.72 -15.92 1.16
C PRO F 14 -12.88 -17.00 2.21
N TRP F 15 -13.84 -16.79 3.10
CA TRP F 15 -14.19 -17.75 4.13
C TRP F 15 -15.59 -18.22 3.74
N GLY F 16 -15.80 -19.52 3.76
CA GLY F 16 -17.08 -20.08 3.39
C GLY F 16 -16.84 -21.10 2.29
N ALA F 17 -17.73 -21.13 1.29
CA ALA F 17 -17.58 -22.07 0.18
C ALA F 17 -16.24 -21.84 -0.50
N LYS F 18 -15.65 -22.91 -1.01
CA LYS F 18 -14.35 -22.80 -1.68
C LYS F 18 -14.47 -22.16 -3.05
N SER F 19 -13.49 -21.34 -3.42
CA SER F 19 -13.50 -20.67 -4.72
C SER F 19 -12.24 -20.95 -5.51
N ALA F 20 -11.22 -21.44 -4.82
CA ALA F 20 -9.93 -21.74 -5.46
C ALA F 20 -9.33 -23.00 -4.87
N GLY G 1 7.02 -17.48 26.14
CA GLY G 1 8.22 -17.76 25.30
C GLY G 1 9.00 -16.51 24.97
N LYS G 2 9.99 -16.66 24.08
CA LYS G 2 10.83 -15.56 23.64
C LYS G 2 10.24 -14.97 22.36
N ALA G 3 9.87 -13.69 22.42
CA ALA G 3 9.29 -13.04 21.27
C ALA G 3 10.30 -12.74 20.15
N PHE G 4 9.79 -12.68 18.93
CA PHE G 4 10.63 -12.36 17.78
C PHE G 4 9.79 -11.58 16.80
N ASP G 5 10.46 -10.82 15.93
CA ASP G 5 9.78 -10.03 14.92
C ASP G 5 10.77 -9.86 13.78
N ASP G 6 10.57 -10.61 12.69
CA ASP G 6 11.47 -10.52 11.54
C ASP G 6 11.32 -9.24 10.74
N GLY G 7 10.12 -8.66 10.77
CA GLY G 7 9.87 -7.46 10.02
C GLY G 7 9.32 -7.82 8.64
N ALA G 8 9.28 -6.84 7.75
CA ALA G 8 8.76 -7.05 6.41
C ALA G 8 9.85 -7.07 5.34
N PHE G 9 9.66 -7.94 4.34
CA PHE G 9 10.59 -8.06 3.24
C PHE G 9 9.90 -8.00 1.88
N THR G 10 10.60 -8.44 0.84
CA THR G 10 10.10 -8.41 -0.53
C THR G 10 9.32 -9.67 -0.92
N GLY G 11 9.56 -10.75 -0.18
CA GLY G 11 8.88 -12.01 -0.47
C GLY G 11 9.44 -13.15 0.35
N ILE G 12 8.99 -14.37 0.08
CA ILE G 12 9.45 -15.55 0.82
C ILE G 12 10.07 -16.58 -0.14
N ARG G 13 11.24 -17.11 0.22
CA ARG G 13 11.92 -18.09 -0.62
C ARG G 13 11.90 -19.48 0.00
N GLU G 14 12.02 -19.54 1.33
CA GLU G 14 12.09 -20.83 2.00
C GLU G 14 11.66 -20.73 3.46
N ILE G 15 11.00 -21.77 3.94
CA ILE G 15 10.55 -21.82 5.33
C ILE G 15 11.09 -23.09 5.97
N ASN G 16 11.73 -22.94 7.12
CA ASN G 16 12.29 -24.06 7.85
C ASN G 16 11.62 -24.13 9.21
N LEU G 17 10.84 -25.18 9.44
CA LEU G 17 10.18 -25.33 10.72
C LEU G 17 10.37 -26.75 11.21
N SER G 18 10.02 -26.99 12.48
CA SER G 18 10.15 -28.33 13.03
C SER G 18 8.89 -28.59 13.83
N TYR G 19 8.53 -29.86 13.98
CA TYR G 19 7.34 -30.20 14.72
C TYR G 19 7.49 -31.56 15.37
N ASN G 20 6.52 -31.91 16.20
CA ASN G 20 6.51 -33.19 16.90
C ASN G 20 5.08 -33.71 16.77
N LYS G 21 4.92 -34.93 16.26
CA LYS G 21 3.61 -35.55 16.06
C LYS G 21 2.75 -35.70 17.30
N GLU G 22 3.31 -35.43 18.47
CA GLU G 22 2.54 -35.57 19.69
C GLU G 22 2.33 -34.25 20.44
N THR G 23 3.01 -33.19 20.01
CA THR G 23 2.86 -31.92 20.68
C THR G 23 2.47 -30.77 19.76
N ALA G 24 3.45 -30.00 19.30
CA ALA G 24 3.16 -28.86 18.44
C ALA G 24 4.35 -28.41 17.61
N ILE G 25 4.25 -27.21 17.04
CA ILE G 25 5.32 -26.64 16.22
C ILE G 25 6.46 -26.17 17.12
N GLY G 26 7.69 -26.44 16.68
CA GLY G 26 8.85 -26.05 17.47
C GLY G 26 9.65 -24.88 16.89
N ASP G 27 10.71 -25.18 16.15
CA ASP G 27 11.55 -24.15 15.56
C ASP G 27 10.89 -23.49 14.35
N PHE G 28 11.30 -22.27 14.04
CA PHE G 28 10.75 -21.53 12.90
C PHE G 28 11.78 -20.54 12.37
N GLN G 29 12.11 -20.68 11.10
CA GLN G 29 13.07 -19.78 10.45
C GLN G 29 12.65 -19.57 9.02
N VAL G 30 12.81 -18.34 8.54
CA VAL G 30 12.41 -18.03 7.18
C VAL G 30 13.54 -17.40 6.38
N VAL G 31 13.67 -17.81 5.12
CA VAL G 31 14.65 -17.22 4.23
C VAL G 31 13.78 -16.32 3.34
N TYR G 32 13.92 -15.02 3.51
CA TYR G 32 13.12 -14.09 2.75
C TYR G 32 13.83 -13.67 1.48
N ASP G 33 13.14 -12.87 0.68
CA ASP G 33 13.76 -12.30 -0.49
C ASP G 33 13.87 -10.84 -0.11
N LEU G 34 15.02 -10.24 -0.35
CA LEU G 34 15.20 -8.83 -0.07
C LEU G 34 15.64 -8.18 -1.37
N ASN G 35 14.68 -7.63 -2.09
CA ASN G 35 14.96 -6.97 -3.35
C ASN G 35 15.75 -7.85 -4.33
N GLY G 36 15.35 -9.11 -4.44
CA GLY G 36 16.01 -10.02 -5.36
C GLY G 36 17.13 -10.85 -4.78
N SER G 37 17.52 -10.56 -3.54
CA SER G 37 18.60 -11.30 -2.89
C SER G 37 18.09 -12.09 -1.70
N PRO G 38 18.51 -13.35 -1.57
CA PRO G 38 18.06 -14.15 -0.44
C PRO G 38 18.50 -13.48 0.86
N TYR G 39 17.63 -13.48 1.86
CA TYR G 39 17.99 -12.91 3.15
C TYR G 39 17.61 -13.91 4.22
N VAL G 40 18.61 -14.46 4.89
CA VAL G 40 18.37 -15.46 5.93
C VAL G 40 17.89 -14.85 7.24
N GLY G 41 16.65 -15.15 7.61
CA GLY G 41 16.12 -14.63 8.84
C GLY G 41 16.70 -15.38 10.02
N GLN G 42 16.68 -14.76 11.20
CA GLN G 42 17.20 -15.40 12.40
C GLN G 42 16.45 -16.70 12.67
N ASN G 43 17.15 -17.70 13.16
CA ASN G 43 16.51 -18.97 13.47
C ASN G 43 15.91 -18.88 14.87
N HIS G 44 14.58 -18.97 14.93
CA HIS G 44 13.85 -18.89 16.18
C HIS G 44 13.67 -20.32 16.70
N VAL G 45 14.51 -20.68 17.67
CA VAL G 45 14.51 -22.03 18.22
C VAL G 45 13.73 -22.27 19.50
N SER G 46 13.20 -23.48 19.60
CA SER G 46 12.46 -23.93 20.78
C SER G 46 13.47 -24.10 21.92
N PHE G 47 12.99 -24.05 23.16
CA PHE G 47 13.88 -24.23 24.32
C PHE G 47 14.28 -25.69 24.44
N ILE G 48 13.52 -26.57 23.79
CA ILE G 48 13.80 -28.00 23.86
C ILE G 48 14.08 -28.62 22.50
N THR G 49 14.41 -29.90 22.50
CA THR G 49 14.72 -30.63 21.27
C THR G 49 13.75 -31.78 21.06
N GLY G 50 14.04 -32.62 20.06
CA GLY G 50 13.19 -33.76 19.78
C GLY G 50 12.21 -33.54 18.65
N PHE G 51 12.37 -32.45 17.89
CA PHE G 51 11.47 -32.13 16.79
C PHE G 51 11.94 -32.70 15.46
N THR G 52 11.00 -32.81 14.53
CA THR G 52 11.29 -33.31 13.19
C THR G 52 11.36 -32.08 12.29
N PRO G 53 12.53 -31.83 11.68
CA PRO G 53 12.68 -30.66 10.80
C PRO G 53 12.05 -30.83 9.44
N VAL G 54 11.57 -29.72 8.88
CA VAL G 54 10.95 -29.70 7.57
C VAL G 54 11.48 -28.48 6.82
N LYS G 55 11.75 -28.65 5.54
CA LYS G 55 12.23 -27.53 4.74
C LYS G 55 11.28 -27.32 3.57
N ILE G 56 10.67 -26.14 3.51
CA ILE G 56 9.75 -25.81 2.42
C ILE G 56 10.47 -24.85 1.49
N SER G 57 11.00 -25.37 0.37
CA SER G 57 11.70 -24.54 -0.59
C SER G 57 10.77 -24.14 -1.73
N LEU G 58 10.42 -22.86 -1.78
CA LEU G 58 9.52 -22.37 -2.82
C LEU G 58 10.24 -22.02 -4.10
N ASP G 59 9.53 -22.16 -5.21
CA ASP G 59 10.08 -21.83 -6.52
C ASP G 59 9.84 -20.34 -6.75
N PHE G 60 10.52 -19.52 -5.95
CA PHE G 60 10.42 -18.06 -6.01
C PHE G 60 10.98 -17.57 -7.35
N PRO G 61 10.31 -16.58 -7.99
CA PRO G 61 9.10 -15.88 -7.54
C PRO G 61 7.77 -16.40 -8.11
N SER G 62 7.82 -17.43 -8.95
CA SER G 62 6.58 -17.95 -9.55
C SER G 62 5.66 -18.63 -8.54
N GLU G 63 6.23 -19.23 -7.50
CA GLU G 63 5.45 -19.90 -6.47
C GLU G 63 5.39 -19.05 -5.20
N TYR G 64 4.20 -18.91 -4.66
CA TYR G 64 4.02 -18.12 -3.44
C TYR G 64 2.83 -18.64 -2.64
N ILE G 65 2.86 -18.37 -1.33
CA ILE G 65 1.80 -18.82 -0.43
C ILE G 65 0.47 -18.10 -0.66
N MET G 66 -0.59 -18.88 -0.78
CA MET G 66 -1.94 -18.34 -1.00
C MET G 66 -2.82 -18.53 0.22
N GLU G 67 -2.43 -19.44 1.11
CA GLU G 67 -3.19 -19.68 2.32
C GLU G 67 -2.36 -20.34 3.39
N VAL G 68 -2.54 -19.86 4.62
CA VAL G 68 -1.87 -20.43 5.78
C VAL G 68 -3.00 -20.83 6.71
N SER G 69 -2.94 -22.05 7.21
CA SER G 69 -3.96 -22.52 8.12
C SER G 69 -3.31 -23.38 9.19
N GLY G 70 -4.04 -23.67 10.25
CA GLY G 70 -3.47 -24.48 11.30
C GLY G 70 -4.43 -24.63 12.46
N TYR G 71 -3.90 -25.11 13.58
CA TYR G 71 -4.69 -25.31 14.78
C TYR G 71 -3.96 -24.78 16.00
N THR G 72 -4.72 -24.25 16.95
CA THR G 72 -4.14 -23.78 18.19
C THR G 72 -4.83 -24.65 19.25
N GLY G 73 -4.08 -25.03 20.27
CA GLY G 73 -4.65 -25.86 21.31
C GLY G 73 -3.77 -25.92 22.52
N ASN G 74 -4.26 -26.59 23.57
CA ASN G 74 -3.53 -26.72 24.82
C ASN G 74 -2.54 -27.87 24.82
N VAL G 75 -1.33 -27.58 25.27
CA VAL G 75 -0.27 -28.59 25.39
C VAL G 75 0.43 -28.32 26.71
N SER G 76 0.29 -29.25 27.65
CA SER G 76 0.90 -29.09 28.97
C SER G 76 0.50 -27.80 29.65
N GLY G 77 -0.76 -27.41 29.46
CA GLY G 77 -1.27 -26.19 30.08
C GLY G 77 -0.96 -24.91 29.33
N TYR G 78 -0.38 -25.01 28.14
CA TYR G 78 -0.06 -23.83 27.35
C TYR G 78 -0.80 -23.82 26.02
N VAL G 79 -1.36 -22.67 25.67
CA VAL G 79 -2.05 -22.55 24.38
C VAL G 79 -0.97 -22.24 23.36
N VAL G 80 -0.83 -23.12 22.36
CA VAL G 80 0.18 -22.94 21.33
C VAL G 80 -0.34 -23.32 19.94
N VAL G 81 0.48 -23.08 18.93
CA VAL G 81 0.14 -23.42 17.55
C VAL G 81 0.55 -24.88 17.40
N ARG G 82 -0.43 -25.78 17.30
CA ARG G 82 -0.15 -27.20 17.19
C ARG G 82 0.10 -27.73 15.79
N SER G 83 -0.42 -27.03 14.79
CA SER G 83 -0.24 -27.48 13.41
C SER G 83 -0.22 -26.30 12.45
N LEU G 84 0.48 -26.47 11.34
CA LEU G 84 0.56 -25.46 10.30
C LEU G 84 0.54 -26.13 8.93
N THR G 85 -0.14 -25.48 7.99
CA THR G 85 -0.22 -25.96 6.63
C THR G 85 -0.04 -24.74 5.73
N PHE G 86 0.79 -24.88 4.69
CA PHE G 86 1.03 -23.80 3.77
C PHE G 86 0.60 -24.24 2.37
N LYS G 87 -0.35 -23.52 1.80
CA LYS G 87 -0.81 -23.84 0.45
C LYS G 87 -0.32 -22.76 -0.51
N THR G 88 0.39 -23.16 -1.56
CA THR G 88 0.87 -22.20 -2.54
C THR G 88 0.06 -22.39 -3.82
N ASN G 89 0.38 -21.62 -4.85
CA ASN G 89 -0.33 -21.73 -6.11
C ASN G 89 0.09 -22.99 -6.86
N LYS G 90 1.05 -23.73 -6.28
CA LYS G 90 1.54 -24.94 -6.90
C LYS G 90 1.32 -26.23 -6.10
N LYS G 91 1.49 -26.16 -4.78
CA LYS G 91 1.34 -27.34 -3.94
C LYS G 91 0.83 -27.00 -2.55
N THR G 92 0.55 -28.05 -1.78
CA THR G 92 0.13 -27.90 -0.41
C THR G 92 1.22 -28.55 0.44
N TYR G 93 1.73 -27.80 1.42
CA TYR G 93 2.77 -28.34 2.29
C TYR G 93 2.19 -28.51 3.69
N GLY G 94 2.13 -29.75 4.15
CA GLY G 94 1.58 -30.02 5.46
C GLY G 94 0.31 -30.86 5.34
N PRO G 95 -0.48 -30.97 6.42
CA PRO G 95 -0.24 -30.35 7.71
C PRO G 95 0.94 -30.92 8.49
N TYR G 96 1.61 -30.06 9.24
CA TYR G 96 2.75 -30.46 10.06
C TYR G 96 2.33 -30.29 11.52
N GLY G 97 2.37 -31.37 12.28
CA GLY G 97 2.00 -31.30 13.67
C GLY G 97 0.72 -32.06 13.98
N VAL G 98 -0.06 -31.57 14.93
CA VAL G 98 -1.31 -32.22 15.33
C VAL G 98 -2.51 -31.32 15.03
N THR G 99 -3.43 -31.80 14.22
CA THR G 99 -4.61 -31.04 13.87
C THR G 99 -5.75 -31.23 14.86
N SER G 100 -5.51 -30.78 16.08
CA SER G 100 -6.48 -30.88 17.16
C SER G 100 -6.58 -29.52 17.84
N GLY G 101 -7.79 -29.12 18.21
CA GLY G 101 -7.97 -27.84 18.86
C GLY G 101 -8.87 -26.93 18.06
N THR G 102 -8.52 -25.65 17.99
CA THR G 102 -9.32 -24.68 17.25
C THR G 102 -8.62 -24.32 15.95
N PRO G 103 -9.30 -24.52 14.81
CA PRO G 103 -8.65 -24.18 13.55
C PRO G 103 -8.69 -22.69 13.25
N PHE G 104 -7.80 -22.27 12.36
CA PHE G 104 -7.75 -20.89 11.92
C PHE G 104 -7.21 -21.00 10.51
N ASN G 105 -7.50 -20.02 9.66
CA ASN G 105 -6.99 -20.06 8.31
C ASN G 105 -7.02 -18.67 7.70
N LEU G 106 -5.97 -18.36 6.94
CA LEU G 106 -5.86 -17.07 6.29
C LEU G 106 -5.61 -17.24 4.80
N PRO G 107 -6.68 -17.18 3.99
CA PRO G 107 -6.55 -17.32 2.55
C PRO G 107 -6.29 -15.90 2.04
N ILE G 108 -5.49 -15.76 0.98
CA ILE G 108 -5.19 -14.45 0.44
C ILE G 108 -5.65 -14.37 -1.02
N GLU G 109 -6.57 -13.47 -1.34
CA GLU G 109 -7.04 -13.32 -2.72
C GLU G 109 -6.10 -12.43 -3.51
N ASN G 110 -5.62 -11.37 -2.88
CA ASN G 110 -4.71 -10.44 -3.55
C ASN G 110 -3.71 -9.95 -2.52
N GLY G 111 -2.43 -10.11 -2.82
CA GLY G 111 -1.42 -9.67 -1.88
C GLY G 111 -0.46 -10.79 -1.54
N LEU G 112 0.51 -10.49 -0.68
CA LEU G 112 1.53 -11.45 -0.30
C LEU G 112 1.88 -11.38 1.18
N ILE G 113 2.33 -12.51 1.72
CA ILE G 113 2.79 -12.55 3.11
C ILE G 113 4.26 -12.14 2.92
N VAL G 114 4.70 -11.13 3.67
CA VAL G 114 6.08 -10.65 3.52
C VAL G 114 6.89 -10.63 4.81
N GLY G 115 6.37 -11.23 5.88
CA GLY G 115 7.09 -11.23 7.14
C GLY G 115 6.34 -11.94 8.24
N PHE G 116 7.07 -12.33 9.28
CA PHE G 116 6.51 -13.03 10.41
C PHE G 116 7.01 -12.47 11.75
N LYS G 117 6.18 -12.58 12.77
CA LYS G 117 6.54 -12.17 14.12
C LYS G 117 5.76 -13.12 15.03
N GLY G 118 6.22 -13.29 16.27
CA GLY G 118 5.53 -14.18 17.18
C GLY G 118 6.36 -14.45 18.41
N SER G 119 6.18 -15.63 18.99
CA SER G 119 6.91 -16.00 20.19
C SER G 119 7.06 -17.52 20.24
N ILE G 120 8.24 -17.97 20.68
CA ILE G 120 8.50 -19.40 20.80
C ILE G 120 9.17 -19.72 22.13
N GLY G 121 8.60 -20.70 22.85
CA GLY G 121 9.17 -21.14 24.11
C GLY G 121 9.47 -22.61 23.85
N TYR G 122 8.72 -23.51 24.47
CA TYR G 122 8.90 -24.93 24.18
C TYR G 122 8.35 -25.10 22.78
N TRP G 123 7.26 -24.40 22.50
CA TRP G 123 6.58 -24.46 21.20
C TRP G 123 6.20 -23.06 20.73
N LEU G 124 5.72 -22.98 19.49
CA LEU G 124 5.31 -21.69 18.91
C LEU G 124 4.06 -21.21 19.67
N ASP G 125 4.24 -20.18 20.49
CA ASP G 125 3.13 -19.63 21.30
C ASP G 125 2.07 -18.94 20.46
N TYR G 126 2.49 -18.09 19.54
CA TYR G 126 1.57 -17.37 18.68
C TYR G 126 2.37 -16.72 17.58
N PHE G 127 1.68 -16.27 16.54
CA PHE G 127 2.39 -15.61 15.44
C PHE G 127 1.43 -14.74 14.67
N SER G 128 2.01 -13.76 13.97
CA SER G 128 1.26 -12.82 13.15
C SER G 128 2.00 -12.74 11.83
N MET G 129 1.34 -12.19 10.82
CA MET G 129 1.96 -12.08 9.51
C MET G 129 1.82 -10.69 8.91
N TYR G 130 2.88 -10.26 8.23
CA TYR G 130 2.89 -8.96 7.56
C TYR G 130 2.35 -9.22 6.16
N LEU G 131 1.45 -8.36 5.69
CA LEU G 131 0.86 -8.50 4.36
C LEU G 131 1.12 -7.25 3.53
N SER G 132 1.33 -7.43 2.24
CA SER G 132 1.58 -6.31 1.35
C SER G 132 1.32 -6.68 -0.10
N LEU G 133 1.19 -5.66 -0.95
CA LEU G 133 1.01 -5.88 -2.38
C LEU G 133 2.46 -5.98 -2.89
N GLN H 3 4.33 11.21 9.92
CA GLN H 3 4.55 11.22 11.40
C GLN H 3 5.92 10.62 11.74
N SER H 4 6.13 9.37 11.35
CA SER H 4 7.38 8.68 11.64
C SER H 4 8.16 8.35 10.36
N GLY H 5 9.47 8.23 10.48
CA GLY H 5 10.29 7.90 9.33
C GLY H 5 10.37 6.42 9.07
N ILE H 6 9.49 5.65 9.73
CA ILE H 6 9.47 4.20 9.58
C ILE H 6 8.28 3.75 8.72
N SER H 7 8.58 2.98 7.68
CA SER H 7 7.54 2.48 6.79
C SER H 7 6.65 1.47 7.51
N GLN H 8 5.35 1.47 7.22
CA GLN H 8 4.46 0.51 7.86
C GLN H 8 3.85 -0.50 6.90
N THR H 9 3.30 -1.57 7.46
CA THR H 9 2.71 -2.64 6.68
C THR H 9 1.49 -3.19 7.41
N VAL H 10 0.53 -3.74 6.65
CA VAL H 10 -0.63 -4.34 7.28
C VAL H 10 -0.13 -5.57 8.04
N ILE H 11 -0.66 -5.80 9.23
CA ILE H 11 -0.27 -6.96 10.02
C ILE H 11 -1.54 -7.63 10.52
N VAL H 12 -1.64 -8.93 10.30
CA VAL H 12 -2.80 -9.68 10.75
C VAL H 12 -2.35 -10.71 11.78
N GLY H 13 -3.20 -10.96 12.76
CA GLY H 13 -2.87 -11.89 13.81
C GLY H 13 -3.00 -11.14 15.13
N PRO H 14 -2.54 -11.74 16.23
CA PRO H 14 -1.91 -13.06 16.24
C PRO H 14 -2.89 -14.22 16.43
N TRP H 15 -2.42 -15.41 16.11
CA TRP H 15 -3.19 -16.63 16.31
C TRP H 15 -2.35 -17.43 17.29
N GLY H 16 -3.01 -18.00 18.31
CA GLY H 16 -2.32 -18.76 19.32
C GLY H 16 -2.62 -18.18 20.70
N ALA H 17 -1.67 -18.26 21.62
CA ALA H 17 -1.86 -17.72 22.96
C ALA H 17 -2.13 -16.23 22.92
N LYS H 18 -3.04 -15.78 23.78
CA LYS H 18 -3.40 -14.36 23.84
C LYS H 18 -2.47 -13.58 24.77
C1 GYP I . -7.59 35.75 -5.86
C2 GYP I . -7.83 35.09 -4.51
C3 GYP I . -6.54 34.58 -3.86
C4 GYP I . -5.88 33.58 -4.82
C5 GYP I . -5.59 34.30 -6.16
C6 GYP I . -4.91 33.38 -7.19
C7 GYP I . -6.70 37.67 -7.02
O1 GYP I . -6.91 37.02 -5.75
O2 GYP I . -8.49 36.02 -3.64
O3 GYP I . -6.85 33.95 -2.60
O4 GYP I . -4.68 33.09 -4.25
O5 GYP I . -6.84 34.82 -6.73
O6 GYP I . -5.76 32.29 -7.53
C1 GYP J . 30.08 8.18 -19.58
C2 GYP J . 29.23 6.92 -19.78
C3 GYP J . 27.83 7.26 -20.32
C4 GYP J . 27.16 8.20 -19.32
C5 GYP J . 28.00 9.48 -19.15
C6 GYP J . 27.38 10.46 -18.16
C7 GYP J . 31.26 9.97 -20.71
O1 GYP J . 30.44 8.79 -20.85
O2 GYP J . 29.92 6.03 -20.66
O3 GYP J . 27.06 6.05 -20.49
O4 GYP J . 25.84 8.54 -19.78
O5 GYP J . 29.36 9.13 -18.71
O6 GYP J . 27.41 9.94 -16.83
C1 AMG K . -29.15 -21.30 -3.47
C2 AMG K . -28.17 -20.99 -4.61
C3 AMG K . -26.84 -21.75 -4.44
C4 AMG K . -26.22 -21.33 -3.10
C5 AMG K . -27.20 -21.68 -1.96
C6 AMG K . -26.63 -21.30 -0.58
C7 AMG K . -30.58 -23.02 -2.47
O1 AMG K . -29.62 -22.67 -3.51
O2 AMG K . -28.78 -21.33 -5.86
O3 AMG K . -25.94 -21.42 -5.53
O4 AMG K . -25.75 -20.04 -3.17
O4 AMG K . -24.97 -22.03 -2.91
O5 AMG K . -28.48 -21.00 -2.17
O6 AMG K . -26.60 -19.88 -0.42
C1 GYP L . 7.77 -22.75 28.08
C2 GYP L . 7.85 -21.20 28.23
C3 GYP L . 6.47 -20.53 28.22
C4 GYP L . 5.78 -20.88 26.90
C5 GYP L . 5.65 -22.41 26.78
C6 GYP L . 4.96 -22.82 25.47
C7 GYP L . 7.11 -24.83 29.19
O1 GYP L . 7.19 -23.38 29.27
O2 GYP L . 8.56 -20.87 29.45
O3 GYP L . 6.62 -19.10 28.35
O4 GYP L . 4.48 -20.28 26.86
O4 GYP L . 6.42 -19.95 25.84
O5 GYP L . 6.99 -23.05 26.85
O6 GYP L . 5.83 -22.65 24.36
#